data_2HAS
#
_entry.id   2HAS
#
_cell.length_a   45.100
_cell.length_b   51.669
_cell.length_c   131.715
_cell.angle_alpha   90.00
_cell.angle_beta   90.00
_cell.angle_gamma   90.00
#
_symmetry.space_group_name_H-M   'P 21 21 21'
#
loop_
_entity.id
_entity.type
_entity.pdbx_description
1 polymer 'Vitamin D3 receptor'
2 non-polymer '2ALPHA-PROPOXY-1ALPHA,25-DIHYDROXYVITAMIN D3'
3 water water
#
_entity_poly.entity_id   1
_entity_poly.type   'polypeptide(L)'
_entity_poly.pdbx_seq_one_letter_code
;GSHMDSLRPKLSEEQQRIIAILLDAHHKTYDPTYSDFCQFRPPVRVNDGGGSVTLELSQLSMLPHLADLVSYSIQKVIGF
AKMIPGFRDLTSEDQIVLLKSSAIEVIMLRSNESFTMDDMSWTCGNQDYKYRVSDVTKAGHSLELIEPLIKFQVGLKKLN
LHEEEHVLLMAICIVSPDRPGVQDAALIEAIQDRLSNTLQTYIRCRHPPPGSHLLYAKMIQKLADLRSLNEEHSKQYRCL
SFQPECSMKLTPLVLEVFGNEIS
;
_entity_poly.pdbx_strand_id   A
#
loop_
_chem_comp.id
_chem_comp.type
_chem_comp.name
_chem_comp.formula
C3O non-polymer '2ALPHA-PROPOXY-1ALPHA,25-DIHYDROXYVITAMIN D3' 'C30 H50 O4'
#
# COMPACT_ATOMS: atom_id res chain seq x y z
N SER A 6 -27.42 -13.19 4.53
CA SER A 6 -28.68 -13.72 3.96
C SER A 6 -29.16 -12.88 2.78
N LEU A 7 -29.59 -11.66 3.05
CA LEU A 7 -30.07 -10.77 2.01
C LEU A 7 -28.94 -10.38 1.06
N ARG A 8 -29.26 -10.33 -0.23
CA ARG A 8 -28.28 -9.97 -1.25
C ARG A 8 -28.82 -8.86 -2.15
N PRO A 9 -28.95 -7.65 -1.59
CA PRO A 9 -29.47 -6.51 -2.37
C PRO A 9 -28.55 -6.16 -3.55
N LYS A 10 -29.14 -5.63 -4.60
CA LYS A 10 -28.39 -5.24 -5.78
C LYS A 10 -27.63 -3.96 -5.48
N LEU A 11 -26.57 -3.73 -6.24
CA LEU A 11 -25.77 -2.53 -6.11
C LEU A 11 -26.61 -1.38 -6.63
N SER A 12 -26.67 -0.29 -5.88
CA SER A 12 -27.45 0.87 -6.32
C SER A 12 -26.69 1.53 -7.46
N GLU A 13 -27.32 2.48 -8.15
CA GLU A 13 -26.64 3.17 -9.24
C GLU A 13 -25.44 3.92 -8.71
N GLU A 14 -25.57 4.50 -7.52
CA GLU A 14 -24.47 5.23 -6.91
C GLU A 14 -23.30 4.31 -6.60
N GLN A 15 -23.61 3.12 -6.10
CA GLN A 15 -22.57 2.15 -5.77
C GLN A 15 -21.86 1.66 -7.02
N GLN A 16 -22.60 1.52 -8.11
CA GLN A 16 -22.02 1.10 -9.38
C GLN A 16 -21.06 2.18 -9.86
N ARG A 17 -21.45 3.44 -9.69
CA ARG A 17 -20.62 4.57 -10.09
C ARG A 17 -19.34 4.61 -9.26
N ILE A 18 -19.48 4.43 -7.95
CA ILE A 18 -18.32 4.46 -7.06
C ILE A 18 -17.30 3.40 -7.50
N ILE A 19 -17.77 2.20 -7.77
CA ILE A 19 -16.91 1.12 -8.21
C ILE A 19 -16.26 1.43 -9.56
N ALA A 20 -17.06 1.94 -10.50
CA ALA A 20 -16.52 2.27 -11.82
C ALA A 20 -15.45 3.33 -11.68
N ILE A 21 -15.71 4.33 -10.85
CA ILE A 21 -14.77 5.42 -10.62
C ILE A 21 -13.47 4.91 -10.00
N LEU A 22 -13.58 4.03 -9.00
CA LEU A 22 -12.38 3.49 -8.36
C LEU A 22 -11.56 2.61 -9.29
N LEU A 23 -12.24 1.79 -10.09
CA LEU A 23 -11.53 0.91 -11.04
C LEU A 23 -10.75 1.78 -12.03
N ASP A 24 -11.40 2.82 -12.55
CA ASP A 24 -10.78 3.71 -13.51
C ASP A 24 -9.59 4.44 -12.86
N ALA A 25 -9.77 4.89 -11.63
CA ALA A 25 -8.70 5.60 -10.92
C ALA A 25 -7.49 4.69 -10.78
N HIS A 26 -7.72 3.44 -10.41
CA HIS A 26 -6.63 2.50 -10.26
C HIS A 26 -5.95 2.20 -11.59
N HIS A 27 -6.74 2.03 -12.65
CA HIS A 27 -6.16 1.75 -13.96
C HIS A 27 -5.30 2.90 -14.45
N LYS A 28 -5.63 4.11 -14.04
CA LYS A 28 -4.87 5.29 -14.46
C LYS A 28 -3.66 5.59 -13.57
N THR A 29 -3.61 4.95 -12.40
CA THR A 29 -2.50 5.18 -11.47
C THR A 29 -1.64 3.97 -11.16
N TYR A 30 -1.93 2.84 -11.78
CA TYR A 30 -1.13 1.64 -11.57
C TYR A 30 -0.81 1.03 -12.93
N ASP A 31 0.42 1.21 -13.38
CA ASP A 31 0.89 0.68 -14.65
C ASP A 31 1.36 -0.77 -14.50
N PRO A 32 0.56 -1.74 -14.97
CA PRO A 32 0.88 -3.16 -14.88
C PRO A 32 2.07 -3.63 -15.72
N THR A 33 2.64 -2.72 -16.52
CA THR A 33 3.79 -3.07 -17.34
C THR A 33 5.07 -2.55 -16.69
N TYR A 34 4.91 -1.74 -15.64
CA TYR A 34 6.07 -1.21 -14.91
C TYR A 34 7.08 -0.50 -15.83
N SER A 35 6.56 0.19 -16.84
CA SER A 35 7.41 0.88 -17.81
C SER A 35 8.21 2.10 -17.31
N ASP A 36 7.90 2.62 -16.13
CA ASP A 36 8.62 3.79 -15.62
C ASP A 36 9.83 3.44 -14.75
N PHE A 37 10.03 2.16 -14.47
CA PHE A 37 11.12 1.72 -13.62
C PHE A 37 12.52 2.09 -14.08
N CYS A 38 12.71 2.24 -15.39
CA CYS A 38 14.01 2.60 -15.92
C CYS A 38 14.37 4.04 -15.55
N GLN A 39 13.40 4.77 -15.02
CA GLN A 39 13.63 6.16 -14.63
C GLN A 39 14.09 6.29 -13.18
N PHE A 40 14.00 5.21 -12.42
CA PHE A 40 14.43 5.24 -11.02
C PHE A 40 15.93 5.04 -10.95
N ARG A 41 16.55 5.46 -9.85
CA ARG A 41 17.98 5.23 -9.71
C ARG A 41 18.10 3.73 -9.78
N PRO A 42 19.14 3.22 -10.45
CA PRO A 42 19.35 1.78 -10.58
C PRO A 42 19.52 0.99 -9.31
N PRO A 43 19.03 -0.25 -9.31
CA PRO A 43 19.17 -1.11 -8.13
C PRO A 43 20.62 -1.57 -8.12
N VAL A 44 21.16 -1.75 -6.92
CA VAL A 44 22.54 -2.19 -6.74
C VAL A 44 22.51 -3.24 -5.65
N ARG A 45 22.95 -4.45 -5.99
CA ARG A 45 22.97 -5.54 -5.03
C ARG A 45 24.38 -5.87 -4.56
N VAL A 46 24.75 -5.37 -3.39
CA VAL A 46 26.08 -5.64 -2.83
C VAL A 46 26.10 -7.04 -2.25
N ASN A 47 27.24 -7.70 -2.33
CA ASN A 47 27.38 -9.05 -1.81
C ASN A 47 27.13 -9.04 -0.30
N ASP A 48 25.98 -9.57 0.10
CA ASP A 48 25.63 -9.61 1.51
C ASP A 48 24.79 -10.85 1.83
N GLY A 49 25.37 -12.03 1.58
CA GLY A 49 24.65 -13.25 1.84
C GLY A 49 24.45 -13.49 3.33
N GLY A 50 25.27 -12.85 4.15
CA GLY A 50 25.16 -13.02 5.59
C GLY A 50 24.17 -12.09 6.27
N GLY A 51 23.57 -11.18 5.48
CA GLY A 51 22.62 -10.25 6.03
C GLY A 51 23.23 -9.40 7.14
N SER A 52 24.45 -8.93 6.92
CA SER A 52 25.15 -8.11 7.90
C SER A 52 24.51 -6.73 8.04
N VAL A 53 23.99 -6.45 9.23
CA VAL A 53 23.37 -5.16 9.50
C VAL A 53 24.39 -4.03 9.29
N THR A 54 25.60 -4.25 9.77
CA THR A 54 26.66 -3.26 9.65
C THR A 54 26.93 -2.95 8.19
N LEU A 55 27.11 -4.00 7.39
CA LEU A 55 27.38 -3.83 5.96
C LEU A 55 26.21 -3.15 5.24
N GLU A 56 25.00 -3.62 5.52
CA GLU A 56 23.79 -3.08 4.89
C GLU A 56 23.64 -1.60 5.17
N LEU A 57 23.88 -1.19 6.42
CA LEU A 57 23.78 0.21 6.80
C LEU A 57 24.89 1.06 6.18
N SER A 58 26.08 0.48 6.06
CA SER A 58 27.20 1.22 5.49
C SER A 58 27.02 1.42 3.98
N GLN A 59 26.29 0.51 3.34
CA GLN A 59 26.07 0.57 1.90
C GLN A 59 24.68 1.09 1.49
N LEU A 60 23.63 0.49 2.04
CA LEU A 60 22.26 0.88 1.69
C LEU A 60 22.20 0.91 0.16
N SER A 61 22.77 -0.12 -0.46
CA SER A 61 22.85 -0.24 -1.91
C SER A 61 21.53 -0.21 -2.67
N MET A 62 20.49 -0.79 -2.08
CA MET A 62 19.17 -0.83 -2.73
C MET A 62 18.24 0.31 -2.35
N LEU A 63 18.68 1.16 -1.41
CA LEU A 63 17.83 2.26 -0.95
C LEU A 63 17.46 3.32 -1.97
N PRO A 64 18.43 3.77 -2.80
CA PRO A 64 18.05 4.80 -3.78
C PRO A 64 16.95 4.32 -4.73
N HIS A 65 17.10 3.08 -5.20
CA HIS A 65 16.13 2.49 -6.13
C HIS A 65 14.77 2.27 -5.45
N LEU A 66 14.78 1.65 -4.28
CA LEU A 66 13.53 1.38 -3.58
C LEU A 66 12.87 2.67 -3.07
N ALA A 67 13.67 3.66 -2.72
CA ALA A 67 13.12 4.94 -2.26
C ALA A 67 12.42 5.62 -3.44
N ASP A 68 13.02 5.54 -4.62
CA ASP A 68 12.44 6.15 -5.82
C ASP A 68 11.13 5.42 -6.15
N LEU A 69 11.14 4.09 -6.03
CA LEU A 69 9.96 3.28 -6.31
C LEU A 69 8.83 3.67 -5.36
N VAL A 70 9.15 3.77 -4.08
CA VAL A 70 8.16 4.13 -3.07
C VAL A 70 7.69 5.58 -3.26
N SER A 71 8.62 6.48 -3.56
CA SER A 71 8.29 7.88 -3.78
C SER A 71 7.32 7.97 -4.98
N TYR A 72 7.68 7.28 -6.06
CA TYR A 72 6.86 7.24 -7.27
C TYR A 72 5.47 6.71 -6.91
N SER A 73 5.44 5.64 -6.12
CA SER A 73 4.19 5.02 -5.71
C SER A 73 3.35 5.94 -4.83
N ILE A 74 3.99 6.71 -3.97
CA ILE A 74 3.27 7.65 -3.12
C ILE A 74 2.56 8.68 -4.01
N GLN A 75 3.23 9.11 -5.07
CA GLN A 75 2.63 10.09 -5.96
C GLN A 75 1.41 9.46 -6.65
N LYS A 76 1.51 8.19 -7.02
CA LYS A 76 0.39 7.52 -7.68
C LYS A 76 -0.77 7.34 -6.71
N VAL A 77 -0.46 7.05 -5.45
CA VAL A 77 -1.47 6.87 -4.42
C VAL A 77 -2.20 8.19 -4.16
N ILE A 78 -1.47 9.30 -4.15
CA ILE A 78 -2.10 10.60 -3.94
C ILE A 78 -3.11 10.81 -5.07
N GLY A 79 -2.71 10.50 -6.30
CA GLY A 79 -3.60 10.65 -7.43
C GLY A 79 -4.84 9.78 -7.31
N PHE A 80 -4.65 8.54 -6.88
CA PHE A 80 -5.75 7.60 -6.71
C PHE A 80 -6.72 8.12 -5.65
N ALA A 81 -6.17 8.57 -4.54
CA ALA A 81 -6.97 9.09 -3.43
C ALA A 81 -7.82 10.29 -3.83
N LYS A 82 -7.25 11.20 -4.62
CA LYS A 82 -7.99 12.39 -5.04
C LYS A 82 -9.18 12.01 -5.90
N MET A 83 -9.17 10.81 -6.47
CA MET A 83 -10.26 10.34 -7.31
C MET A 83 -11.31 9.55 -6.54
N ILE A 84 -11.04 9.27 -5.27
CA ILE A 84 -12.00 8.54 -4.46
C ILE A 84 -13.22 9.42 -4.22
N PRO A 85 -14.42 8.93 -4.57
CA PRO A 85 -15.64 9.71 -4.37
C PRO A 85 -15.74 10.21 -2.93
N GLY A 86 -15.88 11.53 -2.78
CA GLY A 86 -15.99 12.12 -1.46
C GLY A 86 -14.69 12.64 -0.86
N PHE A 87 -13.55 12.14 -1.33
CA PHE A 87 -12.26 12.58 -0.79
C PHE A 87 -12.10 14.09 -0.93
N ARG A 88 -12.55 14.62 -2.06
CA ARG A 88 -12.45 16.06 -2.32
C ARG A 88 -13.35 16.89 -1.39
N ASP A 89 -14.29 16.21 -0.73
CA ASP A 89 -15.20 16.91 0.18
C ASP A 89 -14.52 17.20 1.51
N LEU A 90 -13.39 16.55 1.76
CA LEU A 90 -12.65 16.76 3.00
C LEU A 90 -11.78 18.01 2.89
N THR A 91 -11.40 18.56 4.04
CA THR A 91 -10.54 19.73 4.05
C THR A 91 -9.16 19.29 3.56
N SER A 92 -8.40 20.24 3.02
CA SER A 92 -7.07 19.93 2.53
C SER A 92 -6.24 19.33 3.67
N GLU A 93 -6.44 19.87 4.86
CA GLU A 93 -5.73 19.42 6.05
C GLU A 93 -6.00 17.94 6.37
N ASP A 94 -7.26 17.54 6.32
CA ASP A 94 -7.60 16.14 6.59
C ASP A 94 -7.14 15.22 5.47
N GLN A 95 -7.15 15.72 4.24
CA GLN A 95 -6.70 14.92 3.11
C GLN A 95 -5.24 14.55 3.29
N ILE A 96 -4.42 15.54 3.64
CA ILE A 96 -3.00 15.33 3.85
C ILE A 96 -2.73 14.39 5.01
N VAL A 97 -3.49 14.54 6.09
CA VAL A 97 -3.33 13.66 7.25
C VAL A 97 -3.61 12.21 6.85
N LEU A 98 -4.70 11.99 6.14
CA LEU A 98 -5.07 10.64 5.70
C LEU A 98 -4.01 10.04 4.77
N LEU A 99 -3.55 10.85 3.82
CA LEU A 99 -2.53 10.38 2.86
C LEU A 99 -1.21 10.00 3.52
N LYS A 100 -0.71 10.88 4.40
CA LYS A 100 0.56 10.60 5.07
C LYS A 100 0.48 9.37 5.97
N SER A 101 -0.64 9.20 6.67
CA SER A 101 -0.79 8.08 7.57
C SER A 101 -1.07 6.74 6.88
N SER A 102 -1.70 6.77 5.70
CA SER A 102 -2.03 5.54 4.99
C SER A 102 -1.08 5.18 3.84
N ALA A 103 -0.25 6.14 3.43
CA ALA A 103 0.68 5.93 2.32
C ALA A 103 1.39 4.57 2.28
N ILE A 104 2.11 4.23 3.33
CA ILE A 104 2.84 2.97 3.36
C ILE A 104 1.92 1.76 3.31
N GLU A 105 0.75 1.88 3.92
CA GLU A 105 -0.22 0.80 3.94
C GLU A 105 -0.80 0.55 2.54
N VAL A 106 -1.11 1.62 1.82
CA VAL A 106 -1.66 1.49 0.48
C VAL A 106 -0.61 0.88 -0.45
N ILE A 107 0.64 1.29 -0.25
CA ILE A 107 1.74 0.77 -1.05
C ILE A 107 1.84 -0.74 -0.82
N MET A 108 1.73 -1.15 0.43
CA MET A 108 1.79 -2.57 0.76
C MET A 108 0.63 -3.31 0.11
N LEU A 109 -0.55 -2.69 0.13
CA LEU A 109 -1.73 -3.29 -0.49
C LEU A 109 -1.60 -3.38 -2.00
N ARG A 110 -1.26 -2.27 -2.65
CA ARG A 110 -1.17 -2.25 -4.10
C ARG A 110 -0.04 -3.11 -4.65
N SER A 111 1.00 -3.32 -3.84
CA SER A 111 2.14 -4.12 -4.26
C SER A 111 1.76 -5.59 -4.43
N ASN A 112 0.62 -5.98 -3.89
CA ASN A 112 0.18 -7.37 -4.00
C ASN A 112 -0.01 -7.75 -5.47
N GLU A 113 -0.25 -6.76 -6.31
CA GLU A 113 -0.45 -7.00 -7.74
C GLU A 113 0.86 -7.51 -8.40
N SER A 114 2.01 -7.04 -7.93
CA SER A 114 3.28 -7.49 -8.51
C SER A 114 3.84 -8.69 -7.73
N PHE A 115 3.33 -8.90 -6.52
CA PHE A 115 3.80 -10.02 -5.71
C PHE A 115 3.39 -11.33 -6.34
N THR A 116 4.29 -12.31 -6.32
CA THR A 116 3.98 -13.63 -6.86
C THR A 116 4.38 -14.72 -5.90
N MET A 117 3.49 -15.68 -5.69
CA MET A 117 3.76 -16.79 -4.79
C MET A 117 4.65 -17.85 -5.43
N ASP A 118 4.94 -17.68 -6.72
CA ASP A 118 5.80 -18.62 -7.42
C ASP A 118 7.13 -18.72 -6.67
N ASP A 119 7.70 -17.56 -6.31
CA ASP A 119 8.96 -17.55 -5.57
C ASP A 119 8.96 -16.51 -4.45
N MET A 120 7.77 -16.11 -4.02
CA MET A 120 7.63 -15.13 -2.93
C MET A 120 8.42 -13.84 -3.17
N SER A 121 8.16 -13.20 -4.30
CA SER A 121 8.85 -11.96 -4.61
C SER A 121 7.88 -10.99 -5.29
N TRP A 122 8.33 -9.76 -5.41
CA TRP A 122 7.57 -8.73 -6.11
C TRP A 122 8.32 -8.64 -7.43
N THR A 123 7.68 -9.10 -8.49
CA THR A 123 8.32 -9.09 -9.81
C THR A 123 7.70 -8.03 -10.70
N CYS A 124 8.48 -7.04 -11.06
CA CYS A 124 7.99 -5.95 -11.90
C CYS A 124 8.58 -5.93 -13.31
N GLY A 125 8.32 -6.98 -14.07
CA GLY A 125 8.82 -7.05 -15.44
C GLY A 125 9.96 -8.02 -15.63
N ASN A 126 11.19 -7.56 -15.41
CA ASN A 126 12.37 -8.41 -15.56
C ASN A 126 13.09 -8.69 -14.24
N GLN A 127 14.19 -9.42 -14.32
CA GLN A 127 14.99 -9.78 -13.14
C GLN A 127 15.60 -8.60 -12.40
N ASP A 128 15.92 -7.53 -13.12
CA ASP A 128 16.51 -6.34 -12.49
C ASP A 128 15.51 -5.73 -11.53
N TYR A 129 14.23 -5.86 -11.86
CA TYR A 129 13.17 -5.29 -11.04
C TYR A 129 12.37 -6.34 -10.27
N LYS A 130 13.08 -7.33 -9.74
CA LYS A 130 12.47 -8.39 -8.95
C LYS A 130 13.01 -8.15 -7.55
N TYR A 131 12.12 -8.05 -6.57
CA TYR A 131 12.54 -7.80 -5.20
C TYR A 131 12.20 -8.95 -4.27
N ARG A 132 13.20 -9.39 -3.52
CA ARG A 132 13.05 -10.47 -2.57
C ARG A 132 13.43 -9.93 -1.20
N VAL A 133 13.33 -10.77 -0.17
CA VAL A 133 13.69 -10.35 1.18
C VAL A 133 15.08 -9.72 1.24
N SER A 134 16.04 -10.36 0.57
CA SER A 134 17.41 -9.89 0.56
C SER A 134 17.55 -8.47 0.02
N ASP A 135 16.78 -8.16 -1.03
CA ASP A 135 16.84 -6.83 -1.62
C ASP A 135 16.32 -5.76 -0.66
N VAL A 136 15.31 -6.11 0.14
CA VAL A 136 14.75 -5.15 1.08
C VAL A 136 15.69 -4.95 2.28
N THR A 137 16.44 -5.98 2.64
CA THR A 137 17.39 -5.84 3.75
C THR A 137 18.54 -4.95 3.29
N LYS A 138 18.82 -4.95 2.00
CA LYS A 138 19.89 -4.14 1.43
C LYS A 138 19.47 -2.67 1.39
N ALA A 139 18.21 -2.40 1.73
CA ALA A 139 17.71 -1.04 1.76
C ALA A 139 17.71 -0.54 3.20
N GLY A 140 18.15 -1.39 4.12
CA GLY A 140 18.21 -0.99 5.52
C GLY A 140 17.15 -1.52 6.46
N HIS A 141 16.22 -2.33 5.96
CA HIS A 141 15.17 -2.88 6.80
C HIS A 141 15.53 -4.28 7.29
N SER A 142 14.88 -4.71 8.36
CA SER A 142 15.15 -6.02 8.95
C SER A 142 14.01 -7.01 8.74
N LEU A 143 14.26 -8.27 9.08
CA LEU A 143 13.29 -9.34 8.92
C LEU A 143 12.04 -9.11 9.78
N GLU A 144 12.20 -8.33 10.85
CA GLU A 144 11.10 -8.05 11.76
C GLU A 144 9.96 -7.36 10.99
N LEU A 145 10.29 -6.75 9.87
CA LEU A 145 9.30 -6.07 9.04
C LEU A 145 9.01 -6.89 7.79
N ILE A 146 10.07 -7.30 7.10
CA ILE A 146 9.95 -8.04 5.86
C ILE A 146 9.21 -9.38 5.93
N GLU A 147 9.53 -10.20 6.93
CA GLU A 147 8.87 -11.50 7.05
C GLU A 147 7.36 -11.35 7.23
N PRO A 148 6.91 -10.51 8.18
CA PRO A 148 5.47 -10.36 8.36
C PRO A 148 4.84 -9.76 7.08
N LEU A 149 5.59 -8.92 6.39
CA LEU A 149 5.09 -8.31 5.15
C LEU A 149 4.85 -9.38 4.09
N ILE A 150 5.79 -10.32 3.97
CA ILE A 150 5.66 -11.41 3.00
C ILE A 150 4.45 -12.27 3.37
N LYS A 151 4.31 -12.54 4.67
CA LYS A 151 3.19 -13.35 5.15
C LYS A 151 1.88 -12.62 4.82
N PHE A 152 1.90 -11.30 4.99
CA PHE A 152 0.72 -10.49 4.69
C PHE A 152 0.37 -10.61 3.21
N GLN A 153 1.38 -10.53 2.36
CA GLN A 153 1.18 -10.61 0.91
C GLN A 153 0.56 -11.94 0.50
N VAL A 154 1.03 -13.03 1.10
CA VAL A 154 0.50 -14.35 0.77
C VAL A 154 -0.95 -14.45 1.22
N GLY A 155 -1.24 -14.00 2.44
CA GLY A 155 -2.61 -14.03 2.93
C GLY A 155 -3.54 -13.23 2.05
N LEU A 156 -3.08 -12.07 1.60
CA LEU A 156 -3.89 -11.22 0.74
C LEU A 156 -4.09 -11.93 -0.60
N LYS A 157 -3.02 -12.53 -1.12
CA LYS A 157 -3.09 -13.24 -2.39
C LYS A 157 -4.14 -14.33 -2.35
N LYS A 158 -4.15 -15.09 -1.26
CA LYS A 158 -5.08 -16.20 -1.11
C LYS A 158 -6.54 -15.79 -0.98
N LEU A 159 -6.80 -14.50 -0.80
CA LEU A 159 -8.18 -14.03 -0.72
C LEU A 159 -8.77 -13.99 -2.13
N ASN A 160 -7.89 -14.00 -3.13
CA ASN A 160 -8.31 -13.97 -4.54
C ASN A 160 -9.31 -12.85 -4.79
N LEU A 161 -8.98 -11.65 -4.31
CA LEU A 161 -9.86 -10.50 -4.49
C LEU A 161 -10.12 -10.14 -5.95
N HIS A 162 -11.35 -9.70 -6.23
CA HIS A 162 -11.68 -9.24 -7.57
C HIS A 162 -11.03 -7.87 -7.58
N GLU A 163 -10.80 -7.27 -8.75
CA GLU A 163 -10.18 -5.96 -8.76
C GLU A 163 -11.09 -4.96 -8.04
N GLU A 164 -12.40 -5.18 -8.16
CA GLU A 164 -13.37 -4.31 -7.49
C GLU A 164 -13.15 -4.29 -5.97
N GLU A 165 -12.94 -5.46 -5.39
CA GLU A 165 -12.73 -5.57 -3.95
C GLU A 165 -11.37 -4.95 -3.58
N HIS A 166 -10.39 -5.16 -4.46
CA HIS A 166 -9.05 -4.63 -4.27
C HIS A 166 -9.03 -3.10 -4.15
N VAL A 167 -9.64 -2.42 -5.11
CA VAL A 167 -9.67 -0.96 -5.10
C VAL A 167 -10.52 -0.40 -3.98
N LEU A 168 -11.60 -1.08 -3.63
CA LEU A 168 -12.44 -0.62 -2.54
C LEU A 168 -11.67 -0.74 -1.22
N LEU A 169 -10.88 -1.81 -1.09
CA LEU A 169 -10.10 -2.03 0.13
C LEU A 169 -9.08 -0.90 0.30
N MET A 170 -8.40 -0.52 -0.79
CA MET A 170 -7.43 0.56 -0.72
C MET A 170 -8.11 1.88 -0.37
N ALA A 171 -9.29 2.11 -0.94
CA ALA A 171 -10.02 3.35 -0.66
C ALA A 171 -10.43 3.42 0.82
N ILE A 172 -10.90 2.30 1.34
CA ILE A 172 -11.31 2.23 2.74
C ILE A 172 -10.12 2.43 3.67
N CYS A 173 -8.97 1.90 3.26
CA CYS A 173 -7.73 2.04 4.04
C CYS A 173 -7.37 3.52 4.15
N ILE A 174 -7.44 4.23 3.03
CA ILE A 174 -7.10 5.65 2.98
C ILE A 174 -8.08 6.50 3.79
N VAL A 175 -9.38 6.30 3.57
CA VAL A 175 -10.41 7.08 4.26
C VAL A 175 -10.81 6.45 5.60
N SER A 176 -9.89 6.48 6.55
CA SER A 176 -10.11 5.91 7.88
C SER A 176 -10.24 7.02 8.91
N PRO A 177 -11.37 7.07 9.63
CA PRO A 177 -11.58 8.11 10.64
C PRO A 177 -10.67 7.97 11.86
N ASP A 178 -10.14 6.77 12.09
CA ASP A 178 -9.28 6.55 13.24
C ASP A 178 -7.79 6.75 12.96
N ARG A 179 -7.46 7.87 12.32
CA ARG A 179 -6.07 8.20 12.04
C ARG A 179 -5.78 9.38 12.97
N PRO A 180 -4.71 9.28 13.77
CA PRO A 180 -4.41 10.40 14.66
C PRO A 180 -4.25 11.72 13.92
N GLY A 181 -4.88 12.77 14.44
CA GLY A 181 -4.77 14.08 13.81
C GLY A 181 -5.93 14.50 12.93
N VAL A 182 -6.86 13.60 12.63
CA VAL A 182 -8.00 13.95 11.80
C VAL A 182 -8.89 14.93 12.54
N GLN A 183 -9.44 15.90 11.81
CA GLN A 183 -10.30 16.91 12.41
C GLN A 183 -11.77 16.56 12.30
N ASP A 184 -12.23 16.20 11.10
CA ASP A 184 -13.63 15.86 10.92
C ASP A 184 -13.79 14.35 10.77
N ALA A 185 -13.60 13.64 11.88
CA ALA A 185 -13.72 12.19 11.88
C ALA A 185 -15.12 11.74 11.43
N ALA A 186 -16.14 12.52 11.78
CA ALA A 186 -17.50 12.18 11.42
C ALA A 186 -17.69 12.13 9.89
N LEU A 187 -17.16 13.14 9.20
CA LEU A 187 -17.28 13.20 7.75
C LEU A 187 -16.49 12.06 7.10
N ILE A 188 -15.29 11.81 7.62
CA ILE A 188 -14.45 10.75 7.09
C ILE A 188 -15.14 9.40 7.28
N GLU A 189 -15.76 9.20 8.44
CA GLU A 189 -16.46 7.95 8.72
C GLU A 189 -17.67 7.78 7.80
N ALA A 190 -18.33 8.88 7.47
CA ALA A 190 -19.49 8.83 6.58
C ALA A 190 -19.05 8.36 5.20
N ILE A 191 -17.93 8.92 4.72
CA ILE A 191 -17.40 8.54 3.42
C ILE A 191 -16.93 7.09 3.46
N GLN A 192 -16.23 6.70 4.51
CA GLN A 192 -15.75 5.33 4.62
C GLN A 192 -16.92 4.36 4.69
N ASP A 193 -17.98 4.74 5.40
CA ASP A 193 -19.15 3.87 5.53
C ASP A 193 -19.80 3.63 4.17
N ARG A 194 -19.82 4.67 3.33
CA ARG A 194 -20.40 4.55 2.00
C ARG A 194 -19.57 3.56 1.20
N LEU A 195 -18.25 3.64 1.34
CA LEU A 195 -17.34 2.73 0.64
C LEU A 195 -17.47 1.31 1.19
N SER A 196 -17.52 1.18 2.52
CA SER A 196 -17.65 -0.12 3.17
C SER A 196 -18.96 -0.81 2.81
N ASN A 197 -20.04 -0.02 2.77
CA ASN A 197 -21.35 -0.57 2.42
C ASN A 197 -21.33 -1.04 0.98
N THR A 198 -20.60 -0.33 0.14
CA THR A 198 -20.48 -0.69 -1.28
C THR A 198 -19.74 -2.02 -1.37
N LEU A 199 -18.67 -2.15 -0.61
CA LEU A 199 -17.87 -3.37 -0.62
C LEU A 199 -18.68 -4.57 -0.10
N GLN A 200 -19.36 -4.37 1.03
CA GLN A 200 -20.19 -5.43 1.59
C GLN A 200 -21.25 -5.89 0.62
N THR A 201 -21.85 -4.93 -0.09
CA THR A 201 -22.89 -5.24 -1.07
C THR A 201 -22.33 -5.98 -2.27
N TYR A 202 -21.18 -5.51 -2.76
CA TYR A 202 -20.56 -6.14 -3.91
C TYR A 202 -20.23 -7.59 -3.58
N ILE A 203 -19.61 -7.79 -2.42
CA ILE A 203 -19.23 -9.14 -2.00
C ILE A 203 -20.44 -10.07 -1.92
N ARG A 204 -21.55 -9.58 -1.36
CA ARG A 204 -22.74 -10.40 -1.22
C ARG A 204 -23.39 -10.84 -2.53
N CYS A 205 -23.48 -9.95 -3.51
CA CYS A 205 -24.10 -10.38 -4.76
C CYS A 205 -23.12 -10.98 -5.75
N ARG A 206 -21.84 -11.02 -5.37
CA ARG A 206 -20.79 -11.61 -6.20
C ARG A 206 -20.24 -12.87 -5.53
N HIS A 207 -20.56 -13.03 -4.25
CA HIS A 207 -20.12 -14.17 -3.46
C HIS A 207 -21.28 -14.67 -2.60
N PRO A 208 -21.66 -15.95 -2.74
CA PRO A 208 -22.77 -16.49 -1.94
C PRO A 208 -22.37 -16.69 -0.47
N PRO A 209 -23.34 -16.55 0.44
CA PRO A 209 -23.07 -16.73 1.87
C PRO A 209 -22.57 -18.14 2.19
N GLY A 211 -17.70 -17.62 0.63
CA GLY A 211 -18.06 -17.04 1.91
C GLY A 211 -18.01 -15.53 1.88
N SER A 212 -19.16 -14.91 1.60
CA SER A 212 -19.24 -13.46 1.54
C SER A 212 -18.96 -12.83 2.90
N HIS A 213 -19.56 -13.38 3.94
CA HIS A 213 -19.38 -12.86 5.29
C HIS A 213 -17.95 -13.11 5.78
N LEU A 214 -17.40 -14.27 5.44
CA LEU A 214 -16.05 -14.62 5.83
C LEU A 214 -15.04 -13.74 5.08
N LEU A 215 -15.31 -13.46 3.81
CA LEU A 215 -14.40 -12.64 3.02
C LEU A 215 -14.32 -11.21 3.56
N TYR A 216 -15.46 -10.58 3.83
CA TYR A 216 -15.45 -9.22 4.33
C TYR A 216 -14.70 -9.14 5.64
N ALA A 217 -14.94 -10.10 6.53
CA ALA A 217 -14.27 -10.14 7.81
C ALA A 217 -12.77 -10.27 7.61
N LYS A 218 -12.37 -11.11 6.66
CA LYS A 218 -10.95 -11.32 6.38
C LYS A 218 -10.29 -10.07 5.80
N MET A 219 -11.05 -9.33 4.99
CA MET A 219 -10.54 -8.09 4.39
C MET A 219 -10.33 -7.02 5.45
N ILE A 220 -11.28 -6.92 6.38
CA ILE A 220 -11.19 -5.95 7.47
C ILE A 220 -10.02 -6.31 8.36
N GLN A 221 -9.76 -7.61 8.53
CA GLN A 221 -8.64 -8.03 9.36
C GLN A 221 -7.32 -7.59 8.72
N LYS A 222 -7.28 -7.54 7.39
CA LYS A 222 -6.09 -7.11 6.68
C LYS A 222 -5.78 -5.65 7.00
N LEU A 223 -6.81 -4.84 7.17
CA LEU A 223 -6.61 -3.44 7.48
C LEU A 223 -5.96 -3.31 8.86
N ALA A 224 -6.32 -4.22 9.76
CA ALA A 224 -5.73 -4.20 11.10
C ALA A 224 -4.27 -4.63 11.02
N ASP A 225 -3.99 -5.65 10.21
CA ASP A 225 -2.62 -6.14 10.02
C ASP A 225 -1.72 -5.02 9.49
N LEU A 226 -2.28 -4.21 8.59
CA LEU A 226 -1.54 -3.10 8.00
C LEU A 226 -1.12 -2.05 9.03
N ARG A 227 -1.96 -1.83 10.04
CA ARG A 227 -1.63 -0.86 11.09
C ARG A 227 -0.35 -1.30 11.81
N SER A 228 -0.24 -2.60 12.05
CA SER A 228 0.93 -3.15 12.73
C SER A 228 2.17 -3.04 11.83
N LEU A 229 2.00 -3.34 10.55
CA LEU A 229 3.11 -3.25 9.60
C LEU A 229 3.53 -1.79 9.48
N ASN A 230 2.56 -0.88 9.55
CA ASN A 230 2.81 0.55 9.46
C ASN A 230 3.71 0.98 10.63
N GLU A 231 3.36 0.52 11.82
CA GLU A 231 4.12 0.83 13.03
C GLU A 231 5.54 0.32 12.98
N GLU A 232 5.72 -0.93 12.58
CA GLU A 232 7.05 -1.50 12.49
C GLU A 232 7.87 -0.75 11.45
N HIS A 233 7.27 -0.42 10.31
CA HIS A 233 8.00 0.31 9.28
C HIS A 233 8.48 1.66 9.80
N SER A 234 7.60 2.37 10.50
CA SER A 234 7.94 3.67 11.06
C SER A 234 9.12 3.55 12.01
N LYS A 235 9.10 2.51 12.84
CA LYS A 235 10.18 2.28 13.79
C LYS A 235 11.49 2.10 13.04
N GLN A 236 11.46 1.23 12.03
CA GLN A 236 12.65 0.97 11.24
C GLN A 236 13.11 2.16 10.40
N TYR A 237 12.16 2.95 9.90
CA TYR A 237 12.52 4.13 9.11
C TYR A 237 13.30 5.09 9.99
N ARG A 238 12.87 5.22 11.25
CA ARG A 238 13.54 6.10 12.21
C ARG A 238 15.02 5.71 12.32
N CYS A 239 15.27 4.42 12.52
CA CYS A 239 16.64 3.92 12.63
C CYS A 239 17.42 4.27 11.36
N LEU A 240 16.80 3.99 10.21
CA LEU A 240 17.42 4.25 8.92
C LEU A 240 17.80 5.72 8.78
N SER A 241 16.92 6.61 9.26
CA SER A 241 17.16 8.05 9.17
C SER A 241 18.41 8.50 9.94
N PHE A 242 18.84 7.70 10.90
CA PHE A 242 20.03 8.00 11.70
C PHE A 242 21.32 7.83 10.90
N GLN A 243 21.26 7.02 9.85
CA GLN A 243 22.46 6.76 9.05
C GLN A 243 22.87 8.01 8.28
N PRO A 244 24.10 8.50 8.52
CA PRO A 244 24.61 9.69 7.83
C PRO A 244 24.50 9.58 6.31
N GLU A 245 24.05 10.67 5.68
CA GLU A 245 23.91 10.76 4.23
C GLU A 245 22.70 9.98 3.70
N CYS A 246 21.88 9.45 4.61
CA CYS A 246 20.70 8.70 4.21
C CYS A 246 19.69 9.55 3.43
N SER A 247 19.55 10.81 3.83
CA SER A 247 18.60 11.72 3.18
C SER A 247 18.80 11.78 1.66
N MET A 248 20.04 11.73 1.20
CA MET A 248 20.32 11.81 -0.23
C MET A 248 19.90 10.54 -0.97
N LYS A 249 19.76 9.44 -0.24
CA LYS A 249 19.35 8.18 -0.84
C LYS A 249 17.83 8.08 -0.90
N LEU A 250 17.16 8.98 -0.21
CA LEU A 250 15.70 9.01 -0.18
C LEU A 250 15.24 10.08 -1.17
N THR A 251 14.05 10.65 -0.95
CA THR A 251 13.53 11.71 -1.81
C THR A 251 12.80 12.70 -0.91
N PRO A 252 12.57 13.93 -1.38
CA PRO A 252 11.88 14.93 -0.58
C PRO A 252 10.50 14.46 -0.11
N LEU A 253 9.75 13.81 -1.01
CA LEU A 253 8.43 13.32 -0.67
C LEU A 253 8.49 12.25 0.42
N VAL A 254 9.43 11.32 0.26
CA VAL A 254 9.60 10.25 1.24
C VAL A 254 9.97 10.84 2.61
N LEU A 255 10.92 11.77 2.62
CA LEU A 255 11.36 12.41 3.84
C LEU A 255 10.21 13.06 4.61
N GLU A 256 9.35 13.77 3.89
CA GLU A 256 8.22 14.43 4.52
C GLU A 256 7.15 13.46 5.01
N VAL A 257 6.77 12.51 4.17
CA VAL A 257 5.75 11.54 4.54
C VAL A 257 6.12 10.72 5.78
N PHE A 258 7.34 10.20 5.81
CA PHE A 258 7.77 9.38 6.93
C PHE A 258 8.57 10.12 8.00
N GLY A 259 8.89 11.38 7.74
CA GLY A 259 9.66 12.15 8.69
C GLY A 259 8.87 12.53 9.93
C5 C3O B . 5.92 -2.36 -5.46
C4 C3O B . 5.93 -2.74 -6.95
C3 C3O B . 4.54 -2.53 -7.69
C2 C3O B . 3.96 -1.07 -7.38
C1 C3O B . 3.87 -0.77 -5.80
C10 C3O B . 5.30 -0.97 -5.16
C6 C3O B . 6.41 -3.24 -4.57
C7 C3O B . 6.51 -3.12 -3.11
C8 C3O B . 7.47 -3.60 -2.30
C14 C3O B . 7.49 -3.41 -0.79
C13 C3O B . 8.78 -2.55 -0.33
C12 C3O B . 10.07 -3.39 -0.77
C11 C3O B . 10.07 -3.95 -2.23
C9 C3O B . 8.70 -4.39 -2.81
C15 C3O B . 6.31 -2.63 -0.04
C16 C3O B . 6.97 -1.99 1.22
C17 C3O B . 8.46 -2.48 1.21
C19 C3O B . 5.92 0.02 -4.44
O2 C3O B . 3.62 -3.49 -7.22
O1 C3O B . 3.42 0.56 -5.64
C20 C3O B . 9.43 -1.58 2.13
C22 C3O B . 9.19 -0.04 2.18
C18 C3O B . 8.89 -1.12 -1.09
C21 C3O B . 9.40 -2.08 3.60
C23 C3O B . 10.50 0.75 2.16
C24 C3O B . 10.33 2.27 2.19
C25 C3O B . 11.44 3.14 2.93
O25 C3O B . 11.48 2.85 4.32
C27 C3O B . 11.12 4.65 2.75
C26 C3O B . 12.84 2.88 2.30
O28 C3O B . 4.82 -0.15 -8.03
C29 C3O B . 4.32 0.82 -8.92
C30 C3O B . 4.28 0.24 -10.37
C31 C3O B . 2.88 0.17 -10.98
#